data_3O6M
#
_entry.id   3O6M
#
_cell.length_a   123.840
_cell.length_b   69.720
_cell.length_c   62.160
_cell.angle_alpha   90.00
_cell.angle_beta   109.94
_cell.angle_gamma   90.00
#
_symmetry.space_group_name_H-M   'C 1 2 1'
#
loop_
_entity.id
_entity.type
_entity.pdbx_description
1 polymer "11H6H1 Fab' light chain"
2 polymer "11H6H1 Fab' heavy chain"
3 polymer 'Protein Tat 9-mer peptide'
4 water water
#
loop_
_entity_poly.entity_id
_entity_poly.type
_entity_poly.pdbx_seq_one_letter_code
_entity_poly.pdbx_strand_id
1 'polypeptide(L)'
;DVVMTQTPLTLSVTIGQPASISCKSGQSLLYSDGKTYLNWLLQRPGQSPKRLIYLVSKLDSGVPDRFTGSGSGTDFTLKI
SRVEAEDLGIYYCWQGTHFPRTFGGGTKLEIKRADAAPTVSIFPPSSEQLTSGGASVVCFLNNFYPKDINVKWKIDGSER
QNGVLNSWTDQDSKDSTYSMSSTLTLTKDEYERHNSYTCEATHKTSTSPIVKSFNRNEC
;
L
2 'polypeptide(L)'
;EVKLVESGGGLVKPGGSLKLSCAASGFAFSSYDMSWFCQTPEKRLEWVASISSGGSYTYYPDSVKGRFTISRDNARNTLY
LQMNSLRSEDTALYYCARDYDYGVDYWGQGTSVTVSSAKTTPPSVYPLAPGSAAQTNSMVTLGCLVKGYFPEPVTVTWNS
GSLSSGVHTFPAVLQSDLYTLSSSVTVPSSTWPSETVTCNVAHPASSTKVDKKIVPRDC
;
H
3 'polypeptide(L)' PKLEPWKHP C
#
# COMPACT_ATOMS: atom_id res chain seq x y z
N ASP A 1 2.46 -17.76 16.21
CA ASP A 1 2.21 -19.06 16.91
C ASP A 1 1.03 -19.81 16.36
N VAL A 2 -0.21 -19.38 16.53
CA VAL A 2 -1.26 -20.02 15.69
C VAL A 2 -1.17 -19.50 14.28
N VAL A 3 -1.06 -20.44 13.33
CA VAL A 3 -0.92 -20.16 11.91
C VAL A 3 -2.32 -19.93 11.35
N MET A 4 -2.48 -18.86 10.57
CA MET A 4 -3.72 -18.51 9.96
C MET A 4 -3.47 -18.48 8.46
N THR A 5 -4.21 -19.31 7.72
CA THR A 5 -3.95 -19.46 6.34
C THR A 5 -5.24 -19.11 5.67
N GLN A 6 -5.21 -18.06 4.88
CA GLN A 6 -6.35 -17.62 4.11
C GLN A 6 -6.14 -18.04 2.67
N THR A 7 -7.25 -18.34 1.97
CA THR A 7 -7.23 -18.77 0.55
C THR A 7 -8.53 -18.24 -0.15
N PRO A 8 -8.46 -17.77 -1.40
CA PRO A 8 -7.35 -17.55 -2.33
C PRO A 8 -6.61 -16.30 -1.93
N LEU A 9 -5.53 -16.00 -2.65
CA LEU A 9 -4.71 -14.82 -2.38
C LEU A 9 -5.41 -13.55 -2.84
N THR A 10 -5.83 -13.55 -4.10
CA THR A 10 -6.79 -12.56 -4.60
C THR A 10 -8.02 -13.29 -5.20
N LEU A 11 -9.11 -12.55 -5.37
CA LEU A 11 -10.32 -13.14 -5.87
C LEU A 11 -10.96 -12.06 -6.68
N SER A 12 -11.12 -12.26 -7.97
CA SER A 12 -11.91 -11.31 -8.71
C SER A 12 -13.33 -11.77 -8.70
N VAL A 13 -14.21 -10.81 -8.56
CA VAL A 13 -15.60 -11.11 -8.41
C VAL A 13 -16.44 -10.06 -9.12
N THR A 14 -17.74 -10.33 -9.23
CA THR A 14 -18.61 -9.61 -10.15
C THR A 14 -19.69 -8.89 -9.39
N ILE A 15 -19.76 -7.57 -9.59
CA ILE A 15 -20.86 -6.84 -9.04
C ILE A 15 -22.15 -7.65 -9.28
N GLY A 16 -22.92 -7.87 -8.21
CA GLY A 16 -24.13 -8.68 -8.29
C GLY A 16 -24.01 -10.14 -7.83
N GLN A 17 -22.80 -10.69 -7.95
CA GLN A 17 -22.57 -12.10 -7.68
C GLN A 17 -22.01 -12.38 -6.27
N PRO A 18 -22.25 -13.61 -5.76
CA PRO A 18 -21.74 -14.00 -4.43
C PRO A 18 -20.21 -14.11 -4.39
N ALA A 19 -19.64 -14.33 -3.21
CA ALA A 19 -18.22 -14.57 -3.11
C ALA A 19 -17.98 -15.25 -1.79
N SER A 20 -16.97 -16.12 -1.75
CA SER A 20 -16.53 -16.57 -0.45
C SER A 20 -15.03 -16.68 -0.30
N ILE A 21 -14.55 -16.55 0.92
CA ILE A 21 -13.12 -16.51 1.25
C ILE A 21 -13.04 -17.46 2.37
N SER A 22 -11.87 -18.10 2.50
CA SER A 22 -11.65 -19.13 3.51
C SER A 22 -10.45 -18.86 4.40
N CYS A 23 -10.49 -19.34 5.63
CA CYS A 23 -9.40 -19.08 6.57
C CYS A 23 -9.23 -20.29 7.45
N LYS A 24 -8.07 -20.91 7.42
CA LYS A 24 -7.76 -22.08 8.29
C LYS A 24 -6.75 -21.75 9.41
N SER A 25 -6.99 -22.28 10.60
CA SER A 25 -6.07 -22.14 11.72
C SER A 25 -5.29 -23.45 11.90
N GLY A 26 -4.06 -23.38 12.40
CA GLY A 26 -3.21 -24.57 12.46
C GLY A 26 -3.72 -25.44 13.59
N GLN A 27 -4.59 -24.84 14.41
CA GLN A 27 -5.08 -25.45 15.64
C GLN A 27 -6.39 -24.80 16.05
N SER A 28 -7.17 -25.54 16.83
CA SER A 28 -8.55 -25.15 17.11
C SER A 28 -8.61 -23.83 17.84
N LEU A 29 -9.62 -23.06 17.45
CA LEU A 29 -9.87 -21.75 18.03
C LEU A 29 -10.91 -21.80 19.12
N LEU A 30 -11.49 -22.97 19.35
CA LEU A 30 -12.51 -23.15 20.38
C LEU A 30 -11.94 -22.98 21.77
N TYR A 31 -12.51 -22.13 22.60
CA TYR A 31 -11.93 -22.06 23.91
C TYR A 31 -12.78 -22.83 24.91
N SER A 32 -12.08 -23.36 25.92
CA SER A 32 -12.70 -24.09 27.03
C SER A 32 -13.68 -23.18 27.78
N ASP A 33 -14.52 -22.49 27.02
CA ASP A 33 -15.51 -21.58 27.60
C ASP A 33 -16.70 -21.46 26.67
N GLY A 34 -16.65 -22.26 25.60
CA GLY A 34 -17.70 -22.28 24.59
C GLY A 34 -17.55 -21.24 23.50
N LYS A 35 -16.82 -20.16 23.79
CA LYS A 35 -16.65 -19.06 22.80
C LYS A 35 -15.42 -19.25 21.92
N THR A 36 -15.57 -18.91 20.64
CA THR A 36 -14.57 -19.00 19.57
C THR A 36 -14.08 -17.61 19.08
N TYR A 37 -12.86 -17.23 19.43
CA TYR A 37 -12.38 -15.90 19.10
C TYR A 37 -11.76 -15.74 17.70
N LEU A 38 -12.63 -15.75 16.70
CA LEU A 38 -12.23 -15.70 15.32
C LEU A 38 -12.90 -14.48 14.70
N ASN A 39 -12.08 -13.59 14.11
CA ASN A 39 -12.51 -12.28 13.64
C ASN A 39 -12.29 -12.09 12.15
N TRP A 40 -13.16 -11.30 11.50
CA TRP A 40 -12.84 -10.80 10.18
C TRP A 40 -12.75 -9.28 10.15
N LEU A 41 -11.80 -8.77 9.37
CA LEU A 41 -11.70 -7.34 9.14
C LEU A 41 -11.50 -7.00 7.66
N LEU A 42 -11.94 -5.82 7.24
CA LEU A 42 -11.71 -5.29 5.90
C LEU A 42 -10.80 -4.05 5.95
N GLN A 43 -9.77 -4.02 5.09
CA GLN A 43 -9.09 -2.77 4.83
C GLN A 43 -9.35 -2.36 3.40
N ARG A 44 -10.12 -1.29 3.22
CA ARG A 44 -10.28 -0.68 1.89
C ARG A 44 -9.05 0.11 1.49
N PRO A 45 -8.82 0.25 0.18
CA PRO A 45 -7.50 0.80 -0.19
C PRO A 45 -7.35 2.19 0.40
N GLY A 46 -6.19 2.41 1.04
CA GLY A 46 -5.80 3.64 1.73
C GLY A 46 -6.57 4.04 2.99
N GLN A 47 -7.38 3.15 3.52
CA GLN A 47 -8.27 3.43 4.63
C GLN A 47 -7.76 2.59 5.81
N SER A 48 -8.34 2.78 6.99
CA SER A 48 -7.93 1.98 8.15
C SER A 48 -8.78 0.72 8.28
N PRO A 49 -8.22 -0.32 8.95
CA PRO A 49 -8.99 -1.53 9.10
C PRO A 49 -10.38 -1.28 9.66
N LYS A 50 -11.31 -2.07 9.20
CA LYS A 50 -12.68 -1.90 9.61
C LYS A 50 -13.19 -3.26 10.14
N ARG A 51 -13.61 -3.33 11.39
CA ARG A 51 -14.18 -4.61 11.88
C ARG A 51 -15.35 -5.02 11.01
N LEU A 52 -15.46 -6.30 10.77
CA LEU A 52 -16.44 -6.90 9.92
C LEU A 52 -17.17 -7.94 10.77
N ILE A 53 -16.41 -8.88 11.35
CA ILE A 53 -17.00 -9.99 12.13
C ILE A 53 -16.25 -10.30 13.42
N TYR A 54 -16.93 -10.72 14.46
CA TYR A 54 -16.27 -11.26 15.68
C TYR A 54 -16.98 -12.54 16.18
N LEU A 55 -16.40 -13.27 17.13
CA LEU A 55 -16.96 -14.58 17.57
C LEU A 55 -17.56 -15.34 16.41
N VAL A 56 -16.79 -15.53 15.34
CA VAL A 56 -17.16 -16.34 14.16
C VAL A 56 -18.22 -15.76 13.24
N SER A 57 -19.27 -15.18 13.82
CA SER A 57 -20.48 -14.88 13.04
C SER A 57 -21.25 -13.59 13.43
N LYS A 58 -20.89 -12.96 14.55
CA LYS A 58 -21.51 -11.71 14.96
C LYS A 58 -21.07 -10.60 14.03
N LEU A 59 -22.07 -9.94 13.48
CA LEU A 59 -21.89 -8.89 12.53
C LEU A 59 -21.67 -7.57 13.24
N ASP A 60 -20.64 -6.85 12.81
CA ASP A 60 -20.47 -5.45 13.18
C ASP A 60 -21.69 -4.71 12.67
N SER A 61 -22.19 -3.78 13.44
CA SER A 61 -23.48 -3.13 13.10
C SER A 61 -23.38 -2.01 12.08
N GLY A 62 -22.16 -1.71 11.65
CA GLY A 62 -21.99 -0.84 10.47
C GLY A 62 -21.96 -1.63 9.18
N VAL A 63 -22.02 -2.97 9.26
CA VAL A 63 -21.86 -3.84 8.09
C VAL A 63 -23.19 -4.51 7.67
N PRO A 64 -23.46 -4.56 6.38
CA PRO A 64 -24.73 -5.19 5.98
C PRO A 64 -24.74 -6.72 6.08
N ASP A 65 -25.93 -7.30 6.23
CA ASP A 65 -26.05 -8.78 6.34
C ASP A 65 -25.78 -9.62 5.08
N ARG A 66 -25.64 -8.98 3.91
CA ARG A 66 -24.89 -9.55 2.77
C ARG A 66 -23.68 -10.46 3.16
N PHE A 67 -22.99 -10.10 4.26
CA PHE A 67 -21.83 -10.77 4.81
C PHE A 67 -22.26 -11.70 5.94
N THR A 68 -21.73 -12.91 5.98
CA THR A 68 -22.06 -13.85 7.07
C THR A 68 -20.75 -14.57 7.33
N GLY A 69 -20.37 -14.68 8.59
CA GLY A 69 -19.22 -15.47 8.93
C GLY A 69 -19.72 -16.79 9.47
N SER A 70 -18.98 -17.87 9.24
CA SER A 70 -19.36 -19.21 9.78
C SER A 70 -18.11 -20.09 9.83
N GLY A 71 -18.24 -21.29 10.40
CA GLY A 71 -17.14 -22.21 10.55
C GLY A 71 -17.06 -22.60 12.01
N SER A 72 -16.03 -23.38 12.37
CA SER A 72 -15.87 -23.96 13.69
C SER A 72 -14.61 -24.77 13.59
N GLY A 73 -13.81 -24.78 14.65
CA GLY A 73 -12.70 -25.67 14.74
C GLY A 73 -11.51 -25.03 14.12
N THR A 74 -11.29 -25.35 12.86
CA THR A 74 -10.13 -24.81 12.19
C THR A 74 -10.50 -24.24 10.83
N ASP A 75 -11.78 -24.25 10.48
CA ASP A 75 -12.20 -23.79 9.12
C ASP A 75 -13.28 -22.72 9.17
N PHE A 76 -13.07 -21.56 8.54
CA PHE A 76 -14.06 -20.48 8.59
C PHE A 76 -14.27 -19.88 7.26
N THR A 77 -15.46 -19.33 7.03
CA THR A 77 -15.77 -18.71 5.77
C THR A 77 -16.43 -17.36 5.98
N LEU A 78 -16.03 -16.44 5.13
CA LEU A 78 -16.67 -15.20 5.03
C LEU A 78 -17.29 -15.33 3.66
N LYS A 79 -18.56 -14.94 3.56
CA LYS A 79 -19.32 -15.00 2.30
C LYS A 79 -20.05 -13.70 2.12
N ILE A 80 -20.12 -13.29 0.87
CA ILE A 80 -20.81 -12.10 0.46
C ILE A 80 -21.84 -12.58 -0.53
N SER A 81 -23.10 -12.39 -0.17
CA SER A 81 -24.24 -12.88 -0.91
C SER A 81 -24.38 -12.17 -2.26
N ARG A 82 -24.14 -10.85 -2.27
CA ARG A 82 -23.95 -10.08 -3.52
C ARG A 82 -22.98 -8.91 -3.30
N VAL A 83 -21.97 -8.88 -4.17
CA VAL A 83 -20.83 -7.99 -4.06
C VAL A 83 -21.18 -6.63 -4.60
N GLU A 84 -20.88 -5.59 -3.83
CA GLU A 84 -21.00 -4.21 -4.31
C GLU A 84 -19.56 -3.66 -4.65
N ALA A 85 -19.49 -2.55 -5.41
CA ALA A 85 -18.25 -1.82 -5.71
C ALA A 85 -17.42 -1.58 -4.45
N GLU A 86 -18.02 -1.01 -3.42
CA GLU A 86 -17.27 -0.78 -2.17
C GLU A 86 -16.74 -2.04 -1.40
N ASP A 87 -16.92 -3.26 -1.93
CA ASP A 87 -16.37 -4.39 -1.17
C ASP A 87 -14.87 -4.60 -1.45
N LEU A 88 -14.39 -3.94 -2.50
CA LEU A 88 -12.98 -3.91 -2.88
C LEU A 88 -12.03 -3.71 -1.68
N GLY A 89 -11.04 -4.57 -1.51
CA GLY A 89 -10.10 -4.36 -0.47
C GLY A 89 -9.41 -5.62 -0.06
N ILE A 90 -8.74 -5.57 1.08
CA ILE A 90 -8.19 -6.74 1.65
C ILE A 90 -8.99 -7.15 2.90
N TYR A 91 -9.35 -8.45 2.92
CA TYR A 91 -10.05 -9.16 3.99
C TYR A 91 -9.03 -9.96 4.73
N TYR A 92 -8.94 -9.74 6.03
CA TYR A 92 -8.11 -10.52 6.92
C TYR A 92 -9.01 -11.24 7.95
N CYS A 93 -8.62 -12.47 8.27
CA CYS A 93 -9.14 -13.14 9.44
C CYS A 93 -8.09 -13.03 10.56
N TRP A 94 -8.51 -13.15 11.79
CA TRP A 94 -7.58 -13.08 12.89
C TRP A 94 -8.10 -13.69 14.12
N GLN A 95 -7.21 -14.27 14.86
CA GLN A 95 -7.52 -15.05 16.01
C GLN A 95 -7.03 -14.43 17.29
N GLY A 96 -7.84 -14.47 18.33
CA GLY A 96 -7.46 -14.03 19.64
C GLY A 96 -7.72 -14.99 20.77
N THR A 97 -8.04 -16.22 20.46
CA THR A 97 -8.14 -17.30 21.44
C THR A 97 -6.76 -17.57 22.08
N HIS A 98 -5.74 -17.84 21.25
CA HIS A 98 -4.41 -18.22 21.74
C HIS A 98 -3.43 -17.08 21.74
N PHE A 99 -2.72 -16.93 22.85
CA PHE A 99 -1.74 -15.89 22.93
C PHE A 99 -0.50 -16.31 22.12
N PRO A 100 0.05 -15.43 21.27
CA PRO A 100 -0.34 -14.06 20.89
C PRO A 100 -1.36 -14.02 19.77
N ARG A 101 -2.15 -12.94 19.67
CA ARG A 101 -3.06 -12.74 18.52
C ARG A 101 -2.27 -12.93 17.26
N THR A 102 -2.87 -13.60 16.27
CA THR A 102 -2.25 -13.69 14.97
C THR A 102 -3.28 -13.52 13.89
N PHE A 103 -2.77 -13.17 12.71
CA PHE A 103 -3.51 -12.75 11.55
C PHE A 103 -3.27 -13.67 10.39
N GLY A 104 -4.29 -13.87 9.55
CA GLY A 104 -4.05 -14.49 8.26
C GLY A 104 -3.42 -13.42 7.38
N GLY A 105 -2.95 -13.86 6.21
CA GLY A 105 -2.21 -13.02 5.28
C GLY A 105 -3.01 -12.10 4.40
N GLY A 106 -4.33 -12.15 4.41
CA GLY A 106 -5.10 -11.25 3.54
C GLY A 106 -5.59 -11.91 2.27
N THR A 107 -6.84 -11.67 1.92
CA THR A 107 -7.39 -12.04 0.63
C THR A 107 -7.77 -10.73 0.05
N LYS A 108 -7.26 -10.47 -1.15
CA LYS A 108 -7.51 -9.24 -1.88
C LYS A 108 -8.72 -9.47 -2.76
N LEU A 109 -9.72 -8.61 -2.63
CA LEU A 109 -10.92 -8.74 -3.41
C LEU A 109 -10.91 -7.72 -4.53
N GLU A 110 -11.14 -8.19 -5.75
CA GLU A 110 -10.89 -7.44 -6.98
C GLU A 110 -12.20 -7.42 -7.76
N ILE A 111 -12.42 -6.42 -8.61
CA ILE A 111 -13.67 -6.36 -9.37
C ILE A 111 -13.51 -6.66 -10.87
N LYS A 112 -14.29 -7.61 -11.39
CA LYS A 112 -14.28 -7.89 -12.86
C LYS A 112 -14.81 -6.74 -13.70
N ARG A 113 -14.32 -6.65 -14.94
CA ARG A 113 -14.78 -5.68 -15.94
C ARG A 113 -14.25 -6.01 -17.35
N ALA A 114 -14.69 -5.25 -18.33
CA ALA A 114 -14.29 -5.54 -19.71
C ALA A 114 -12.77 -5.51 -19.85
N ASP A 115 -12.18 -6.51 -20.50
CA ASP A 115 -10.79 -6.39 -20.83
C ASP A 115 -10.40 -5.02 -21.41
N ALA A 116 -9.14 -4.63 -21.18
CA ALA A 116 -8.56 -3.44 -21.81
C ALA A 116 -7.10 -3.71 -22.06
N ALA A 117 -6.65 -3.39 -23.26
CA ALA A 117 -5.20 -3.47 -23.53
C ALA A 117 -4.58 -2.17 -23.02
N PRO A 118 -3.38 -2.25 -22.47
CA PRO A 118 -2.76 -1.00 -21.99
C PRO A 118 -2.48 0.02 -23.10
N THR A 119 -2.73 1.31 -22.86
CA THR A 119 -2.06 2.39 -23.61
C THR A 119 -0.58 2.42 -23.17
N VAL A 120 0.36 2.10 -24.05
CA VAL A 120 1.79 1.98 -23.72
C VAL A 120 2.66 3.14 -24.31
N SER A 121 3.42 3.86 -23.46
CA SER A 121 4.24 5.02 -23.95
C SER A 121 5.67 4.89 -23.52
N ILE A 122 6.61 5.10 -24.44
CA ILE A 122 8.00 5.01 -24.04
C ILE A 122 8.69 6.39 -23.96
N PHE A 123 9.54 6.58 -22.95
CA PHE A 123 10.26 7.83 -22.83
C PHE A 123 11.76 7.63 -22.72
N PRO A 124 12.52 8.23 -23.62
CA PRO A 124 13.96 8.20 -23.43
C PRO A 124 14.38 9.01 -22.19
N PRO A 125 15.65 8.90 -21.76
CA PRO A 125 16.18 9.69 -20.64
C PRO A 125 16.16 11.17 -20.92
N SER A 126 16.10 11.97 -19.87
CA SER A 126 16.05 13.41 -20.05
C SER A 126 17.50 13.89 -20.15
N SER A 127 17.67 15.00 -20.86
CA SER A 127 18.95 15.69 -20.95
C SER A 127 19.46 15.90 -19.55
N GLU A 128 18.55 16.22 -18.62
CA GLU A 128 18.98 16.55 -17.27
C GLU A 128 19.52 15.33 -16.57
N GLN A 129 18.87 14.19 -16.79
CA GLN A 129 19.34 12.98 -16.13
C GLN A 129 20.74 12.64 -16.68
N LEU A 130 20.90 12.67 -18.00
CA LEU A 130 22.18 12.37 -18.68
C LEU A 130 23.36 13.22 -18.18
N THR A 131 23.12 14.48 -17.81
CA THR A 131 24.24 15.26 -17.23
C THR A 131 24.57 14.75 -15.82
N SER A 132 23.62 14.09 -15.16
CA SER A 132 23.93 13.42 -13.90
C SER A 132 24.78 12.18 -14.16
N GLY A 133 24.92 11.83 -15.45
CA GLY A 133 25.71 10.66 -15.89
C GLY A 133 24.99 9.32 -15.74
N GLY A 134 23.66 9.37 -15.67
CA GLY A 134 22.82 8.17 -15.61
C GLY A 134 21.70 8.29 -16.65
N ALA A 135 21.05 7.18 -16.97
CA ALA A 135 19.94 7.20 -17.92
C ALA A 135 18.90 6.16 -17.53
N SER A 136 17.64 6.57 -17.57
CA SER A 136 16.49 5.75 -17.27
C SER A 136 15.59 5.83 -18.47
N VAL A 137 15.14 4.69 -18.96
CA VAL A 137 14.03 4.65 -19.89
C VAL A 137 12.79 4.20 -19.13
N VAL A 138 11.68 4.87 -19.39
CA VAL A 138 10.48 4.71 -18.62
C VAL A 138 9.36 4.29 -19.56
N CYS A 139 8.58 3.31 -19.12
CA CYS A 139 7.46 2.87 -19.90
C CYS A 139 6.23 2.85 -19.04
N PHE A 140 5.21 3.56 -19.48
CA PHE A 140 3.92 3.52 -18.83
C PHE A 140 2.99 2.60 -19.59
N LEU A 141 2.36 1.70 -18.85
CA LEU A 141 1.29 0.82 -19.34
C LEU A 141 0.09 1.14 -18.47
N ASN A 142 -0.89 1.78 -19.05
CA ASN A 142 -1.91 2.44 -18.30
C ASN A 142 -3.29 1.93 -18.64
N ASN A 143 -4.16 1.93 -17.63
CA ASN A 143 -5.57 1.57 -17.75
C ASN A 143 -5.84 0.27 -18.50
N PHE A 144 -5.22 -0.81 -18.03
CA PHE A 144 -5.52 -2.12 -18.57
C PHE A 144 -6.33 -3.01 -17.65
N TYR A 145 -6.82 -4.12 -18.19
CA TYR A 145 -7.52 -5.17 -17.41
C TYR A 145 -7.48 -6.57 -18.12
N PRO A 146 -7.07 -7.65 -17.40
CA PRO A 146 -6.82 -7.86 -15.96
C PRO A 146 -5.41 -7.55 -15.47
N LYS A 147 -5.16 -7.77 -14.19
CA LYS A 147 -3.92 -7.35 -13.52
C LYS A 147 -2.64 -7.92 -14.20
N ASP A 148 -2.77 -9.11 -14.77
CA ASP A 148 -1.59 -9.82 -15.26
C ASP A 148 -0.97 -9.32 -16.54
N ILE A 149 0.32 -9.01 -16.40
CA ILE A 149 1.04 -8.38 -17.46
C ILE A 149 2.48 -8.73 -17.33
N ASN A 150 3.14 -8.73 -18.46
CA ASN A 150 4.51 -9.06 -18.53
C ASN A 150 5.17 -7.99 -19.44
N VAL A 151 6.33 -7.50 -19.05
CA VAL A 151 7.01 -6.45 -19.77
C VAL A 151 8.48 -6.84 -19.86
N LYS A 152 9.02 -6.91 -21.07
CA LYS A 152 10.45 -7.21 -21.22
C LYS A 152 11.16 -5.99 -21.82
N TRP A 153 12.44 -5.83 -21.54
CA TRP A 153 13.21 -4.76 -22.15
C TRP A 153 14.19 -5.33 -23.12
N LYS A 154 14.32 -4.66 -24.26
CA LYS A 154 15.25 -5.04 -25.32
C LYS A 154 16.17 -3.92 -25.73
N ILE A 155 17.47 -4.18 -25.70
CA ILE A 155 18.49 -3.23 -26.09
C ILE A 155 19.28 -3.75 -27.29
N ASP A 156 19.00 -3.14 -28.45
CA ASP A 156 19.49 -3.60 -29.74
C ASP A 156 19.08 -5.05 -29.92
N GLY A 157 17.80 -5.31 -29.73
CA GLY A 157 17.22 -6.64 -29.82
C GLY A 157 17.86 -7.74 -28.99
N SER A 158 18.65 -7.37 -27.97
CA SER A 158 19.01 -8.30 -26.92
C SER A 158 17.76 -8.46 -26.02
N GLU A 159 17.96 -8.82 -24.76
CA GLU A 159 16.94 -8.65 -23.77
C GLU A 159 17.72 -8.32 -22.50
N ARG A 160 17.19 -7.39 -21.72
CA ARG A 160 17.85 -6.97 -20.50
C ARG A 160 16.87 -6.91 -19.33
N GLN A 161 17.24 -7.54 -18.22
CA GLN A 161 16.41 -7.53 -17.00
C GLN A 161 17.13 -6.92 -15.79
N ASN A 162 18.45 -6.98 -15.85
CA ASN A 162 19.32 -6.65 -14.73
C ASN A 162 19.50 -5.15 -14.46
N GLY A 163 18.48 -4.33 -14.72
CA GLY A 163 18.45 -2.93 -14.19
C GLY A 163 17.05 -2.30 -14.20
N VAL A 164 16.02 -3.17 -14.12
CA VAL A 164 14.65 -2.79 -14.34
C VAL A 164 14.00 -2.64 -13.00
N LEU A 165 12.92 -1.89 -12.98
CA LEU A 165 12.26 -1.57 -11.76
C LEU A 165 10.80 -1.30 -12.10
N ASN A 166 9.91 -2.20 -11.63
CA ASN A 166 8.46 -2.07 -11.88
C ASN A 166 7.66 -1.62 -10.69
N SER A 167 6.49 -1.05 -10.95
CA SER A 167 5.54 -0.59 -9.91
C SER A 167 4.10 -0.54 -10.45
N TRP A 168 3.17 -1.10 -9.69
CA TRP A 168 1.78 -1.26 -10.11
C TRP A 168 0.87 -0.43 -9.23
N THR A 169 -0.17 0.13 -9.80
CA THR A 169 -1.10 0.87 -9.00
C THR A 169 -2.09 -0.13 -8.44
N ASP A 170 -2.82 0.30 -7.43
CA ASP A 170 -3.99 -0.43 -7.00
C ASP A 170 -5.08 -0.33 -8.09
N GLN A 171 -6.01 -1.27 -8.09
CA GLN A 171 -7.18 -1.23 -8.96
C GLN A 171 -7.90 0.08 -8.73
N ASP A 172 -8.04 0.87 -9.79
CA ASP A 172 -8.68 2.18 -9.66
C ASP A 172 -10.17 2.00 -9.34
N SER A 173 -10.68 2.71 -8.35
CA SER A 173 -12.05 2.51 -7.87
C SER A 173 -13.02 3.33 -8.70
N LYS A 174 -12.54 3.95 -9.77
CA LYS A 174 -13.40 4.66 -10.68
C LYS A 174 -13.62 3.81 -11.96
N ASP A 175 -12.54 3.41 -12.63
CA ASP A 175 -12.70 2.66 -13.87
C ASP A 175 -12.30 1.16 -13.74
N SER A 176 -11.88 0.75 -12.53
CA SER A 176 -11.48 -0.63 -12.20
C SER A 176 -10.33 -1.19 -13.05
N THR A 177 -9.60 -0.31 -13.73
CA THR A 177 -8.39 -0.75 -14.39
C THR A 177 -7.14 -0.72 -13.48
N TYR A 178 -6.06 -1.26 -13.99
CA TYR A 178 -4.77 -1.22 -13.37
C TYR A 178 -3.86 -0.41 -14.30
N SER A 179 -2.77 0.10 -13.74
CA SER A 179 -1.69 0.68 -14.49
C SER A 179 -0.31 0.16 -13.93
N MET A 180 0.76 0.27 -14.73
CA MET A 180 2.11 -0.18 -14.34
C MET A 180 3.19 0.69 -14.95
N SER A 181 4.29 0.93 -14.26
CA SER A 181 5.46 1.57 -14.91
C SER A 181 6.67 0.66 -14.82
N SER A 182 7.59 0.84 -15.78
CA SER A 182 8.74 -0.01 -15.87
C SER A 182 9.89 0.90 -16.17
N THR A 183 10.87 0.92 -15.31
CA THR A 183 11.98 1.84 -15.49
C THR A 183 13.24 1.06 -15.69
N LEU A 184 13.85 1.27 -16.85
CA LEU A 184 15.16 0.69 -17.11
C LEU A 184 16.24 1.74 -16.87
N THR A 185 17.14 1.41 -15.95
CA THR A 185 18.22 2.30 -15.56
C THR A 185 19.64 1.80 -15.90
N LEU A 186 20.36 2.63 -16.65
CA LEU A 186 21.72 2.35 -17.09
C LEU A 186 22.61 3.53 -16.77
N THR A 187 23.92 3.39 -17.03
CA THR A 187 24.83 4.54 -17.01
C THR A 187 24.63 5.24 -18.32
N LYS A 188 24.91 6.54 -18.34
CA LYS A 188 25.01 7.30 -19.56
C LYS A 188 25.90 6.49 -20.54
N ASP A 189 27.02 5.96 -20.03
CA ASP A 189 27.99 5.29 -20.93
C ASP A 189 27.44 4.06 -21.67
N GLU A 190 26.81 3.14 -20.93
CA GLU A 190 26.12 1.97 -21.53
C GLU A 190 25.11 2.42 -22.56
N TYR A 191 24.24 3.34 -22.14
CA TYR A 191 23.19 3.90 -22.94
C TYR A 191 23.67 4.61 -24.22
N GLU A 192 24.87 5.17 -24.20
CA GLU A 192 25.31 5.83 -25.43
C GLU A 192 26.05 4.91 -26.40
N ARG A 193 26.39 3.70 -25.96
CA ARG A 193 26.95 2.68 -26.87
C ARG A 193 25.93 1.62 -27.37
N HIS A 194 24.67 2.03 -27.54
CA HIS A 194 23.58 1.18 -28.09
C HIS A 194 22.60 2.09 -28.76
N ASN A 195 21.80 1.52 -29.67
CA ASN A 195 20.97 2.38 -30.47
C ASN A 195 19.48 2.17 -30.20
N SER A 196 19.01 0.92 -30.28
CA SER A 196 17.56 0.64 -30.25
C SER A 196 17.08 0.26 -28.86
N TYR A 197 15.97 0.89 -28.44
CA TYR A 197 15.48 0.74 -27.07
C TYR A 197 14.03 0.39 -27.13
N THR A 198 13.74 -0.82 -26.65
CA THR A 198 12.43 -1.37 -26.82
C THR A 198 11.81 -1.78 -25.49
N CYS A 199 10.51 -1.56 -25.40
CA CYS A 199 9.72 -1.86 -24.27
C CYS A 199 8.59 -2.71 -24.81
N GLU A 200 8.56 -3.97 -24.38
CA GLU A 200 7.71 -4.99 -24.97
C GLU A 200 6.77 -5.55 -23.90
N ALA A 201 5.48 -5.27 -24.05
CA ALA A 201 4.41 -5.66 -23.13
C ALA A 201 3.56 -6.82 -23.62
N THR A 202 3.65 -7.97 -22.95
CA THR A 202 2.73 -9.11 -23.14
C THR A 202 1.51 -9.08 -22.19
N HIS A 203 0.32 -8.84 -22.75
CA HIS A 203 -0.94 -8.87 -22.00
C HIS A 203 -1.82 -9.94 -22.60
N LYS A 204 -2.84 -10.39 -21.86
CA LYS A 204 -3.65 -11.53 -22.29
C LYS A 204 -4.52 -11.15 -23.47
N THR A 205 -4.74 -9.85 -23.66
CA THR A 205 -5.59 -9.33 -24.73
C THR A 205 -5.00 -9.54 -26.14
N SER A 206 -3.80 -10.11 -26.21
CA SER A 206 -3.11 -10.34 -27.48
C SER A 206 -1.95 -11.32 -27.43
N THR A 207 -2.23 -12.49 -27.95
CA THR A 207 -1.42 -13.07 -28.98
C THR A 207 -0.10 -12.25 -29.16
N SER A 208 -0.16 -11.03 -29.71
CA SER A 208 1.09 -10.28 -29.91
C SER A 208 1.42 -9.13 -28.94
N PRO A 209 2.70 -9.09 -28.53
CA PRO A 209 3.21 -8.05 -27.64
C PRO A 209 2.85 -6.65 -28.16
N ILE A 210 2.51 -5.71 -27.28
CA ILE A 210 2.65 -4.28 -27.64
C ILE A 210 4.13 -3.87 -27.58
N VAL A 211 4.65 -3.42 -28.71
CA VAL A 211 6.08 -3.06 -28.84
C VAL A 211 6.16 -1.53 -28.93
N LYS A 212 6.94 -0.92 -28.04
CA LYS A 212 7.23 0.50 -28.15
C LYS A 212 8.72 0.68 -28.08
N SER A 213 9.20 1.64 -28.86
CA SER A 213 10.58 1.67 -29.24
C SER A 213 10.98 3.06 -29.75
N PHE A 214 12.27 3.35 -29.70
CA PHE A 214 12.87 4.58 -30.24
C PHE A 214 14.34 4.26 -30.54
N ASN A 215 14.92 4.98 -31.48
CA ASN A 215 16.33 4.81 -31.84
C ASN A 215 17.11 6.00 -31.34
N ARG A 216 18.16 5.73 -30.57
CA ARG A 216 19.23 6.68 -30.16
C ARG A 216 19.51 6.58 -28.67
N GLU B 1 -18.87 9.94 17.75
CA GLU B 1 -18.18 8.72 17.24
C GLU B 1 -16.86 8.54 17.92
N VAL B 2 -16.55 7.31 18.27
CA VAL B 2 -15.23 6.85 18.67
C VAL B 2 -14.14 7.35 17.68
N LYS B 3 -13.03 7.87 18.21
CA LYS B 3 -11.95 8.39 17.38
C LYS B 3 -10.57 8.18 18.00
N LEU B 4 -9.62 7.77 17.18
CA LEU B 4 -8.24 7.43 17.58
C LEU B 4 -7.29 8.05 16.55
N VAL B 5 -6.47 9.01 16.96
CA VAL B 5 -5.54 9.71 16.09
C VAL B 5 -4.10 9.53 16.57
N GLU B 6 -3.33 8.67 15.89
CA GLU B 6 -1.95 8.34 16.31
C GLU B 6 -0.96 9.42 15.85
N SER B 7 0.06 9.71 16.65
CA SER B 7 1.10 10.58 16.16
C SER B 7 2.50 10.15 16.64
N GLY B 8 3.54 10.67 15.98
CA GLY B 8 4.88 10.47 16.47
C GLY B 8 5.78 9.66 15.57
N GLY B 9 5.29 9.19 14.43
CA GLY B 9 6.09 8.34 13.57
C GLY B 9 7.10 9.20 12.85
N GLY B 10 8.12 8.55 12.30
CA GLY B 10 9.15 9.24 11.53
C GLY B 10 10.30 8.29 11.35
N LEU B 11 11.40 8.82 10.83
CA LEU B 11 12.58 8.07 10.53
C LEU B 11 13.43 7.83 11.79
N VAL B 12 13.77 6.59 12.12
CA VAL B 12 14.70 6.35 13.26
C VAL B 12 15.82 5.42 12.84
N LYS B 13 16.94 5.52 13.53
CA LYS B 13 18.02 4.59 13.30
C LYS B 13 17.84 3.26 14.05
N PRO B 14 18.39 2.16 13.50
CA PRO B 14 18.47 0.88 14.21
C PRO B 14 19.13 1.06 15.58
N GLY B 15 18.56 0.41 16.58
CA GLY B 15 18.97 0.63 17.96
C GLY B 15 18.26 1.80 18.63
N GLY B 16 17.68 2.72 17.85
CA GLY B 16 17.06 3.94 18.41
C GLY B 16 15.72 3.75 19.11
N SER B 17 15.15 4.87 19.55
CA SER B 17 13.86 4.92 20.22
C SER B 17 12.91 5.91 19.57
N LEU B 18 11.62 5.74 19.85
CA LEU B 18 10.58 6.58 19.30
C LEU B 18 9.39 6.35 20.15
N LYS B 19 8.66 7.39 20.46
CA LYS B 19 7.50 7.19 21.31
C LYS B 19 6.33 7.60 20.45
N LEU B 20 5.38 6.69 20.32
CA LEU B 20 4.13 6.98 19.56
C LEU B 20 3.03 7.42 20.50
N SER B 21 2.11 8.24 20.00
CA SER B 21 0.94 8.67 20.82
C SER B 21 -0.40 8.40 20.16
N CYS B 22 -1.41 8.17 20.99
CA CYS B 22 -2.74 8.04 20.44
C CYS B 22 -3.76 8.80 21.26
N ALA B 23 -4.27 9.88 20.66
CA ALA B 23 -5.30 10.74 21.24
C ALA B 23 -6.65 10.07 20.96
N ALA B 24 -7.33 9.63 22.05
CA ALA B 24 -8.68 9.02 21.99
C ALA B 24 -9.80 10.02 22.36
N SER B 25 -10.89 10.02 21.59
CA SER B 25 -12.07 10.87 21.95
C SER B 25 -13.38 10.18 21.62
N GLY B 26 -14.51 10.76 22.06
CA GLY B 26 -15.81 10.22 21.72
C GLY B 26 -16.16 8.93 22.44
N PHE B 27 -15.42 8.56 23.49
CA PHE B 27 -15.83 7.46 24.36
C PHE B 27 -15.13 7.53 25.72
N ALA B 28 -15.58 6.72 26.66
CA ALA B 28 -15.01 6.70 28.00
C ALA B 28 -13.71 5.88 27.97
N PHE B 29 -12.65 6.56 27.60
CA PHE B 29 -11.36 5.91 27.30
C PHE B 29 -10.90 4.97 28.42
N SER B 30 -11.09 5.41 29.65
CA SER B 30 -10.59 4.73 30.82
C SER B 30 -11.37 3.46 31.15
N SER B 31 -12.46 3.18 30.43
CA SER B 31 -13.25 1.94 30.62
C SER B 31 -12.87 0.74 29.70
N TYR B 32 -11.92 0.98 28.78
CA TYR B 32 -11.53 -0.01 27.73
C TYR B 32 -10.04 -0.33 27.72
N ASP B 33 -9.75 -1.62 27.62
CA ASP B 33 -8.47 -2.11 27.11
C ASP B 33 -8.14 -1.47 25.69
N MET B 34 -6.87 -1.09 25.45
CA MET B 34 -6.35 -0.55 24.20
C MET B 34 -5.19 -1.38 23.63
N SER B 35 -4.99 -1.30 22.30
CA SER B 35 -3.94 -2.06 21.65
C SER B 35 -3.16 -1.29 20.60
N TRP B 36 -2.00 -1.84 20.24
CA TRP B 36 -1.29 -1.36 19.09
C TRP B 36 -1.09 -2.53 18.14
N PHE B 37 -1.21 -2.19 16.85
CA PHE B 37 -1.00 -3.12 15.79
C PHE B 37 -0.09 -2.39 14.83
N CYS B 38 0.43 -3.15 13.87
CA CYS B 38 1.12 -2.55 12.78
C CYS B 38 0.86 -3.27 11.46
N GLN B 39 0.99 -2.54 10.38
CA GLN B 39 0.87 -3.10 9.05
C GLN B 39 2.25 -2.87 8.34
N THR B 40 2.93 -3.96 8.04
CA THR B 40 4.23 -3.90 7.39
C THR B 40 4.05 -3.39 5.97
N PRO B 41 5.14 -2.94 5.33
CA PRO B 41 4.97 -2.39 3.96
C PRO B 41 4.44 -3.41 2.90
N GLU B 42 4.73 -4.69 3.03
CA GLU B 42 4.01 -5.73 2.27
C GLU B 42 2.56 -6.13 2.76
N LYS B 43 1.92 -5.29 3.58
CA LYS B 43 0.54 -5.46 4.10
C LYS B 43 0.23 -6.67 4.99
N ARG B 44 1.22 -7.19 5.69
CA ARG B 44 1.03 -8.11 6.78
C ARG B 44 0.50 -7.31 7.95
N LEU B 45 -0.61 -7.71 8.55
CA LEU B 45 -0.97 -7.12 9.85
C LEU B 45 -0.38 -7.96 10.97
N GLU B 46 -0.04 -7.28 12.07
CA GLU B 46 0.60 -7.86 13.26
C GLU B 46 0.20 -7.10 14.55
N TRP B 47 0.03 -7.88 15.60
CA TRP B 47 -0.35 -7.41 16.88
C TRP B 47 0.93 -6.92 17.56
N VAL B 48 0.86 -5.79 18.23
CA VAL B 48 2.05 -5.25 18.80
C VAL B 48 2.04 -5.14 20.32
N ALA B 49 0.93 -4.66 20.93
CA ALA B 49 0.83 -4.54 22.40
C ALA B 49 -0.62 -4.30 22.88
N SER B 50 -0.91 -4.63 24.14
CA SER B 50 -2.21 -4.40 24.76
C SER B 50 -2.08 -3.97 26.25
N ILE B 51 -2.98 -3.13 26.72
CA ILE B 51 -2.92 -2.63 28.08
C ILE B 51 -4.35 -2.63 28.65
N SER B 52 -4.48 -3.10 29.90
CA SER B 52 -5.76 -3.14 30.60
C SER B 52 -6.33 -1.72 30.75
N SER B 53 -7.66 -1.61 30.87
CA SER B 53 -8.31 -0.28 30.93
C SER B 53 -7.66 0.59 31.97
N GLY B 54 -7.39 -0.02 33.13
CA GLY B 54 -6.75 0.67 34.24
C GLY B 54 -5.27 0.88 34.07
N GLY B 55 -4.59 -0.01 33.35
CA GLY B 55 -3.17 0.19 33.08
C GLY B 55 -2.30 -0.78 33.86
N SER B 56 -2.94 -1.59 34.71
CA SER B 56 -2.30 -2.59 35.52
C SER B 56 -1.60 -3.59 34.63
N TYR B 57 -2.37 -4.16 33.71
CA TYR B 57 -1.87 -5.26 32.90
C TYR B 57 -1.42 -4.81 31.50
N THR B 58 -0.27 -5.34 31.05
CA THR B 58 0.29 -5.13 29.74
C THR B 58 0.73 -6.47 29.15
N TYR B 59 0.67 -6.61 27.84
CA TYR B 59 0.89 -7.90 27.19
C TYR B 59 1.61 -7.67 25.87
N TYR B 60 2.54 -8.56 25.57
CA TYR B 60 3.33 -8.42 24.38
C TYR B 60 3.65 -9.73 23.70
N PRO B 61 3.65 -9.73 22.34
CA PRO B 61 4.27 -10.86 21.64
C PRO B 61 5.81 -10.90 21.93
N ASP B 62 6.40 -12.10 21.97
CA ASP B 62 7.87 -12.27 22.17
C ASP B 62 8.73 -11.31 21.30
N SER B 63 8.25 -10.99 20.10
CA SER B 63 9.03 -10.17 19.18
C SER B 63 9.22 -8.73 19.63
N VAL B 64 8.35 -8.24 20.53
CA VAL B 64 8.52 -6.86 21.05
C VAL B 64 8.79 -6.74 22.55
N LYS B 65 8.35 -7.74 23.32
CA LYS B 65 8.61 -7.88 24.77
C LYS B 65 10.08 -7.56 25.08
N GLY B 66 10.29 -6.77 26.12
CA GLY B 66 11.64 -6.34 26.46
C GLY B 66 12.08 -5.08 25.75
N ARG B 67 11.48 -4.77 24.61
CA ARG B 67 11.96 -3.65 23.79
C ARG B 67 11.00 -2.48 23.79
N PHE B 68 9.71 -2.79 23.81
CA PHE B 68 8.63 -1.83 23.61
C PHE B 68 7.85 -1.70 24.91
N THR B 69 7.31 -0.51 25.20
CA THR B 69 6.45 -0.36 26.38
C THR B 69 5.13 0.39 26.13
N ILE B 70 4.01 -0.29 26.38
CA ILE B 70 2.70 0.35 26.26
C ILE B 70 2.18 0.98 27.57
N SER B 71 1.72 2.22 27.53
CA SER B 71 1.05 2.77 28.73
C SER B 71 -0.03 3.78 28.36
N ARG B 72 -0.66 4.37 29.37
CA ARG B 72 -1.75 5.28 29.08
C ARG B 72 -1.86 6.35 30.16
N ASP B 73 -2.28 7.55 29.73
CA ASP B 73 -2.66 8.65 30.63
C ASP B 73 -4.20 8.81 30.59
N ASN B 74 -4.86 8.05 31.44
CA ASN B 74 -6.32 8.15 31.52
C ASN B 74 -6.86 9.56 31.74
N ALA B 75 -6.29 10.30 32.69
CA ALA B 75 -6.69 11.70 32.90
C ALA B 75 -6.71 12.47 31.58
N ARG B 76 -5.75 12.14 30.70
CA ARG B 76 -5.49 12.89 29.46
C ARG B 76 -5.90 12.14 28.17
N ASN B 77 -6.63 11.03 28.28
CA ASN B 77 -7.18 10.31 27.11
C ASN B 77 -6.16 9.84 26.03
N THR B 78 -4.96 9.47 26.45
CA THR B 78 -3.87 9.20 25.54
C THR B 78 -3.29 7.81 25.77
N LEU B 79 -3.02 7.14 24.66
CA LEU B 79 -2.28 5.86 24.66
C LEU B 79 -0.88 6.10 24.11
N TYR B 80 0.11 5.37 24.64
CA TYR B 80 1.54 5.50 24.25
C TYR B 80 2.22 4.18 23.97
N LEU B 81 3.22 4.21 23.09
CA LEU B 81 4.08 3.08 22.85
C LEU B 81 5.51 3.62 22.78
N GLN B 82 6.28 3.38 23.83
CA GLN B 82 7.67 3.73 23.88
C GLN B 82 8.40 2.60 23.19
N MET B 83 8.98 2.84 22.04
CA MET B 83 9.69 1.76 21.36
C MET B 83 11.18 1.99 21.54
N ASN B 84 11.88 1.00 22.04
CA ASN B 84 13.36 1.03 22.12
C ASN B 84 13.95 -0.09 21.31
N SER B 85 15.26 -0.03 21.09
CA SER B 85 15.99 -1.07 20.31
C SER B 85 15.27 -1.38 19.03
N LEU B 86 15.03 -0.35 18.23
CA LEU B 86 14.34 -0.51 16.98
C LEU B 86 15.19 -1.27 15.95
N ARG B 87 14.55 -2.10 15.15
CA ARG B 87 15.24 -2.80 14.09
C ARG B 87 14.45 -2.62 12.78
N SER B 88 15.10 -2.84 11.66
CA SER B 88 14.45 -2.57 10.37
C SER B 88 13.07 -3.20 10.26
N GLU B 89 12.93 -4.39 10.86
CA GLU B 89 11.71 -5.17 10.83
C GLU B 89 10.50 -4.46 11.45
N ASP B 90 10.71 -3.52 12.37
CA ASP B 90 9.64 -2.78 13.04
C ASP B 90 9.11 -1.66 12.10
N THR B 91 9.69 -1.58 10.89
CA THR B 91 9.27 -0.58 9.89
C THR B 91 7.85 -0.90 9.45
N ALA B 92 6.94 -0.06 9.89
CA ALA B 92 5.56 -0.41 9.65
C ALA B 92 4.71 0.79 9.85
N LEU B 93 3.42 0.58 9.57
CA LEU B 93 2.43 1.59 9.84
C LEU B 93 1.72 1.15 11.10
N TYR B 94 1.81 1.99 12.12
CA TYR B 94 1.34 1.59 13.46
C TYR B 94 0.00 2.16 13.79
N TYR B 95 -0.88 1.28 14.25
CA TYR B 95 -2.27 1.60 14.54
C TYR B 95 -2.58 1.38 16.00
N CYS B 96 -3.33 2.34 16.54
CA CYS B 96 -3.94 2.32 17.85
C CYS B 96 -5.30 1.64 17.64
N ALA B 97 -5.78 0.83 18.60
CA ALA B 97 -7.08 0.18 18.47
C ALA B 97 -7.72 -0.05 19.84
N ARG B 98 -9.04 -0.12 19.87
CA ARG B 98 -9.80 -0.35 21.09
C ARG B 98 -10.24 -1.82 21.26
N ASP B 99 -9.95 -2.41 22.40
CA ASP B 99 -10.33 -3.80 22.65
C ASP B 99 -11.74 -3.89 23.27
N TYR B 100 -12.70 -4.41 22.52
CA TYR B 100 -14.03 -4.62 23.03
C TYR B 100 -14.73 -5.66 22.17
N ASP B 101 -15.85 -6.19 22.68
CA ASP B 101 -16.62 -7.26 22.02
C ASP B 101 -15.68 -8.44 21.62
N TYR B 102 -14.97 -9.00 22.61
CA TYR B 102 -14.17 -10.24 22.42
C TYR B 102 -13.14 -10.14 21.30
N GLY B 103 -12.54 -8.95 21.23
CA GLY B 103 -11.52 -8.59 20.28
C GLY B 103 -11.30 -7.10 20.17
N VAL B 104 -11.36 -6.61 18.93
CA VAL B 104 -11.02 -5.22 18.68
C VAL B 104 -12.14 -4.66 17.85
N ASP B 105 -12.62 -3.50 18.20
CA ASP B 105 -13.71 -2.89 17.45
C ASP B 105 -13.38 -1.64 16.69
N TYR B 106 -12.45 -0.80 17.16
CA TYR B 106 -12.04 0.36 16.39
C TYR B 106 -10.54 0.46 16.20
N TRP B 107 -10.19 0.98 15.03
CA TRP B 107 -8.82 1.28 14.56
C TRP B 107 -8.65 2.76 14.26
N GLY B 108 -7.48 3.28 14.57
CA GLY B 108 -7.16 4.64 14.23
C GLY B 108 -6.68 4.72 12.80
N GLN B 109 -5.93 5.78 12.47
CA GLN B 109 -5.60 6.06 11.08
C GLN B 109 -4.19 5.63 10.73
N GLY B 110 -3.33 5.55 11.74
CA GLY B 110 -2.02 4.99 11.53
C GLY B 110 -1.00 6.09 11.60
N THR B 111 0.19 5.76 12.09
CA THR B 111 1.31 6.68 11.99
C THR B 111 2.50 5.85 11.48
N SER B 112 3.31 6.41 10.61
CA SER B 112 4.25 5.61 9.83
C SER B 112 5.64 5.65 10.47
N VAL B 113 6.27 4.48 10.66
CA VAL B 113 7.62 4.36 11.27
C VAL B 113 8.57 3.65 10.33
N THR B 114 9.72 4.26 10.07
CA THR B 114 10.78 3.62 9.26
C THR B 114 12.04 3.59 10.11
N VAL B 115 12.61 2.39 10.25
CA VAL B 115 13.85 2.16 10.99
C VAL B 115 14.95 1.88 9.95
N SER B 116 15.88 2.79 9.78
CA SER B 116 16.86 2.62 8.71
C SER B 116 18.08 3.48 9.02
N SER B 117 19.26 3.12 8.57
CA SER B 117 20.34 4.03 8.85
C SER B 117 20.70 4.78 7.57
N ALA B 118 19.96 4.53 6.50
CA ALA B 118 20.07 5.28 5.26
C ALA B 118 19.77 6.78 5.43
N LYS B 119 20.46 7.57 4.58
CA LYS B 119 20.48 9.04 4.66
C LYS B 119 19.23 9.71 4.11
N THR B 120 18.75 10.74 4.76
CA THR B 120 17.74 11.62 4.14
C THR B 120 18.35 12.27 2.89
N THR B 121 17.64 12.21 1.78
CA THR B 121 18.13 12.58 0.45
C THR B 121 16.94 13.18 -0.32
N PRO B 122 17.06 14.42 -0.79
CA PRO B 122 16.00 15.00 -1.63
C PRO B 122 16.03 14.31 -3.00
N PRO B 123 14.86 14.21 -3.69
CA PRO B 123 14.67 13.65 -5.03
C PRO B 123 15.26 14.50 -6.12
N SER B 124 15.69 13.83 -7.20
CA SER B 124 15.88 14.43 -8.49
C SER B 124 14.56 14.27 -9.24
N VAL B 125 14.16 15.24 -10.04
CA VAL B 125 12.85 15.22 -10.64
C VAL B 125 13.05 15.42 -12.15
N TYR B 126 12.97 14.34 -12.92
CA TYR B 126 13.22 14.45 -14.37
C TYR B 126 11.95 14.55 -15.17
N PRO B 127 11.94 15.43 -16.17
CA PRO B 127 10.73 15.61 -16.98
C PRO B 127 10.68 14.54 -18.07
N LEU B 128 9.48 14.03 -18.37
CA LEU B 128 9.36 13.01 -19.42
C LEU B 128 8.43 13.48 -20.51
N ALA B 129 8.99 13.71 -21.69
CA ALA B 129 8.28 14.20 -22.87
C ALA B 129 8.56 13.16 -23.97
N PRO B 130 7.70 13.08 -25.00
CA PRO B 130 7.85 11.98 -25.97
C PRO B 130 8.90 12.24 -27.07
N GLY B 131 8.57 11.92 -28.32
CA GLY B 131 9.32 12.29 -29.54
C GLY B 131 8.29 12.78 -30.57
N SER B 132 7.79 11.85 -31.41
CA SER B 132 6.82 12.04 -32.54
C SER B 132 5.67 13.13 -32.59
N ALA B 133 4.43 12.66 -32.76
CA ALA B 133 3.19 13.49 -32.94
C ALA B 133 1.95 12.72 -32.41
N ALA B 134 2.23 11.80 -31.48
CA ALA B 134 1.27 10.97 -30.75
C ALA B 134 0.60 9.88 -31.61
N GLN B 135 0.72 8.64 -31.12
CA GLN B 135 0.09 7.45 -31.72
C GLN B 135 -1.41 7.70 -31.92
N THR B 136 -2.12 7.84 -30.81
CA THR B 136 -3.46 8.45 -30.84
C THR B 136 -3.27 10.00 -30.78
N ASN B 137 -2.84 10.56 -31.91
CA ASN B 137 -2.69 11.99 -32.07
C ASN B 137 -3.57 12.84 -31.14
N SER B 138 -4.70 12.28 -30.68
CA SER B 138 -5.66 13.00 -29.86
C SER B 138 -5.24 13.22 -28.40
N MET B 139 -4.70 12.18 -27.76
CA MET B 139 -4.26 12.28 -26.37
C MET B 139 -2.74 12.18 -26.32
N VAL B 140 -2.12 12.97 -25.45
CA VAL B 140 -0.69 12.81 -25.24
C VAL B 140 -0.46 12.49 -23.76
N THR B 141 0.49 11.61 -23.47
CA THR B 141 0.79 11.36 -22.07
C THR B 141 2.21 11.79 -21.74
N LEU B 142 2.33 12.39 -20.57
CA LEU B 142 3.59 12.95 -20.10
C LEU B 142 3.93 12.38 -18.72
N GLY B 143 5.13 12.62 -18.26
CA GLY B 143 5.34 12.40 -16.85
C GLY B 143 6.52 13.08 -16.31
N CYS B 144 6.75 12.77 -15.05
CA CYS B 144 8.06 12.94 -14.48
C CYS B 144 8.52 11.74 -13.68
N LEU B 145 9.83 11.57 -13.65
CA LEU B 145 10.48 10.57 -12.86
C LEU B 145 11.00 11.26 -11.58
N VAL B 146 10.57 10.72 -10.43
CA VAL B 146 11.03 11.21 -9.13
C VAL B 146 12.00 10.17 -8.57
N LYS B 147 13.27 10.47 -8.68
CA LYS B 147 14.31 9.48 -8.43
C LYS B 147 15.17 9.86 -7.27
N GLY B 148 15.63 8.86 -6.51
CA GLY B 148 16.75 9.03 -5.63
C GLY B 148 16.49 9.69 -4.27
N TYR B 149 15.27 9.63 -3.74
CA TYR B 149 14.98 10.26 -2.46
C TYR B 149 14.89 9.27 -1.29
N PHE B 150 14.98 9.81 -0.07
CA PHE B 150 14.75 9.06 1.16
C PHE B 150 14.53 10.02 2.33
N PRO B 151 13.59 9.73 3.24
CA PRO B 151 12.68 8.57 3.22
C PRO B 151 11.40 8.95 2.51
N GLU B 152 10.43 8.05 2.63
CA GLU B 152 9.09 8.34 2.17
C GLU B 152 8.41 9.37 3.15
N PRO B 153 7.34 10.09 2.72
CA PRO B 153 6.75 10.11 1.37
C PRO B 153 7.25 11.32 0.60
N VAL B 154 6.96 11.36 -0.71
CA VAL B 154 6.82 12.58 -1.52
C VAL B 154 5.35 12.72 -1.91
N THR B 155 4.98 13.91 -2.37
CA THR B 155 3.66 14.14 -2.98
C THR B 155 3.88 14.61 -4.40
N VAL B 156 3.03 14.20 -5.32
CA VAL B 156 3.14 14.67 -6.70
C VAL B 156 1.85 15.28 -7.14
N THR B 157 1.88 16.51 -7.62
CA THR B 157 0.69 17.04 -8.27
C THR B 157 1.04 17.52 -9.68
N TRP B 158 0.00 17.82 -10.44
CA TRP B 158 0.17 18.36 -11.77
C TRP B 158 -0.51 19.72 -11.86
N ASN B 159 0.19 20.70 -12.43
CA ASN B 159 -0.24 22.10 -12.40
C ASN B 159 -0.98 22.44 -11.09
N SER B 160 -0.30 22.18 -9.97
CA SER B 160 -0.73 22.64 -8.64
C SER B 160 -2.06 22.05 -8.14
N GLY B 161 -2.57 21.05 -8.83
CA GLY B 161 -3.75 20.36 -8.36
C GLY B 161 -4.84 20.34 -9.41
N SER B 162 -4.75 21.26 -10.36
CA SER B 162 -5.83 21.53 -11.27
C SER B 162 -5.90 20.55 -12.45
N LEU B 163 -4.84 19.76 -12.62
CA LEU B 163 -4.82 18.70 -13.60
C LEU B 163 -4.82 17.42 -12.77
N SER B 164 -6.02 16.97 -12.36
CA SER B 164 -6.11 15.76 -11.50
C SER B 164 -6.63 14.50 -12.19
N SER B 165 -7.28 14.63 -13.34
CA SER B 165 -7.79 13.47 -14.03
C SER B 165 -6.78 13.09 -15.09
N GLY B 166 -6.66 11.80 -15.35
CA GLY B 166 -5.67 11.36 -16.28
C GLY B 166 -4.36 11.11 -15.58
N VAL B 167 -4.36 11.15 -14.26
CA VAL B 167 -3.12 10.95 -13.50
C VAL B 167 -2.96 9.60 -12.87
N HIS B 168 -1.80 8.97 -13.11
CA HIS B 168 -1.38 7.80 -12.34
C HIS B 168 -0.06 8.08 -11.64
N THR B 169 -0.13 8.17 -10.34
CA THR B 169 1.08 8.25 -9.58
C THR B 169 1.38 6.86 -8.97
N PHE B 170 2.49 6.30 -9.38
CA PHE B 170 2.89 4.99 -9.01
C PHE B 170 3.48 4.91 -7.60
N PRO B 171 3.25 3.80 -6.87
CA PRO B 171 3.91 3.60 -5.55
C PRO B 171 5.42 3.56 -5.68
N ALA B 172 6.11 4.14 -4.70
CA ALA B 172 7.57 4.26 -4.73
C ALA B 172 8.18 2.90 -4.55
N VAL B 173 9.36 2.64 -5.12
CA VAL B 173 10.09 1.44 -4.74
C VAL B 173 11.49 1.73 -4.27
N LEU B 174 11.87 0.99 -3.25
CA LEU B 174 13.07 1.17 -2.48
C LEU B 174 14.03 0.27 -3.15
N GLN B 175 15.17 0.80 -3.56
CA GLN B 175 16.13 -0.06 -4.22
C GLN B 175 17.62 0.07 -3.87
N SER B 176 18.10 1.12 -3.29
CA SER B 176 19.38 0.80 -2.59
C SER B 176 19.48 1.87 -1.60
N ASP B 177 18.62 1.79 -0.58
CA ASP B 177 18.47 2.93 0.31
C ASP B 177 17.82 4.16 -0.37
N LEU B 178 17.28 4.02 -1.58
CA LEU B 178 16.71 5.14 -2.30
C LEU B 178 15.41 4.74 -3.01
N TYR B 179 14.38 5.59 -2.85
CA TYR B 179 13.09 5.41 -3.51
C TYR B 179 13.09 6.08 -4.89
N THR B 180 12.30 5.53 -5.80
CA THR B 180 12.08 6.05 -7.13
C THR B 180 10.57 5.92 -7.37
N LEU B 181 9.99 6.92 -8.01
CA LEU B 181 8.56 6.89 -8.27
C LEU B 181 8.36 7.60 -9.58
N SER B 182 7.34 7.26 -10.30
CA SER B 182 7.02 8.09 -11.45
C SER B 182 5.53 8.41 -11.47
N SER B 183 5.18 9.47 -12.17
CA SER B 183 3.80 9.86 -12.33
C SER B 183 3.60 10.05 -13.81
N SER B 184 2.43 9.64 -14.31
CA SER B 184 2.02 9.98 -15.71
C SER B 184 0.76 10.84 -15.76
N VAL B 185 0.67 11.67 -16.80
CA VAL B 185 -0.53 12.52 -17.00
C VAL B 185 -0.89 12.47 -18.46
N THR B 186 -2.18 12.60 -18.74
CA THR B 186 -2.73 12.29 -20.05
C THR B 186 -3.69 13.41 -20.43
N VAL B 187 -3.37 14.09 -21.54
CA VAL B 187 -4.04 15.36 -21.92
C VAL B 187 -4.25 15.45 -23.43
N PRO B 188 -5.26 16.24 -23.88
CA PRO B 188 -5.40 16.47 -25.32
C PRO B 188 -4.12 17.02 -25.90
N SER B 189 -3.72 16.47 -27.04
CA SER B 189 -2.49 16.83 -27.72
C SER B 189 -2.66 18.25 -28.26
N SER B 190 -3.87 18.78 -28.05
CA SER B 190 -4.23 20.12 -28.46
C SER B 190 -3.99 21.10 -27.29
N THR B 191 -3.89 20.57 -26.08
CA THR B 191 -3.57 21.43 -24.95
C THR B 191 -2.09 21.29 -24.57
N TRP B 192 -1.33 20.47 -25.29
CA TRP B 192 0.10 20.40 -25.00
C TRP B 192 0.95 20.32 -26.23
N PRO B 193 1.76 21.37 -26.52
CA PRO B 193 1.58 22.75 -26.04
C PRO B 193 1.04 23.58 -27.22
N SER B 194 0.58 24.83 -27.10
CA SER B 194 -0.27 25.42 -26.04
C SER B 194 0.19 25.26 -24.64
N GLU B 195 -0.76 25.49 -23.74
CA GLU B 195 -0.55 25.52 -22.29
C GLU B 195 0.49 24.58 -21.71
N THR B 196 1.02 25.03 -20.59
CA THR B 196 2.12 24.42 -19.89
C THR B 196 1.59 23.26 -19.03
N VAL B 197 2.41 22.21 -18.90
CA VAL B 197 2.15 21.14 -17.94
C VAL B 197 3.38 21.02 -17.02
N THR B 198 3.12 21.16 -15.72
CA THR B 198 4.16 21.17 -14.68
C THR B 198 3.90 20.11 -13.60
N CYS B 199 4.90 19.27 -13.29
CA CYS B 199 4.78 18.46 -12.10
C CYS B 199 5.33 19.16 -10.86
N ASN B 200 4.56 19.11 -9.78
CA ASN B 200 4.96 19.66 -8.51
C ASN B 200 5.24 18.54 -7.56
N VAL B 201 6.52 18.41 -7.24
CA VAL B 201 6.99 17.41 -6.33
C VAL B 201 7.42 18.07 -5.01
N ALA B 202 6.95 17.52 -3.89
CA ALA B 202 7.32 17.97 -2.56
C ALA B 202 7.90 16.80 -1.73
N HIS B 203 8.98 17.07 -1.00
CA HIS B 203 9.58 16.00 -0.16
C HIS B 203 9.83 16.62 1.20
N PRO B 204 8.82 16.57 2.09
CA PRO B 204 8.97 17.18 3.40
C PRO B 204 10.20 16.80 4.18
N ALA B 205 10.66 15.56 4.14
CA ALA B 205 11.77 15.21 5.05
C ALA B 205 13.05 15.99 4.72
N SER B 206 13.20 16.47 3.48
CA SER B 206 14.30 17.35 3.11
C SER B 206 13.84 18.79 2.89
N SER B 207 12.62 19.15 3.35
CA SER B 207 12.00 20.48 3.12
C SER B 207 12.18 21.00 1.69
N THR B 208 11.99 20.15 0.68
CA THR B 208 12.26 20.48 -0.74
C THR B 208 11.02 20.44 -1.61
N LYS B 209 10.90 21.39 -2.54
CA LYS B 209 9.78 21.48 -3.51
C LYS B 209 10.40 21.62 -4.90
N VAL B 210 9.90 20.91 -5.91
CA VAL B 210 10.47 21.00 -7.23
C VAL B 210 9.32 21.15 -8.20
N ASP B 211 9.43 22.10 -9.10
CA ASP B 211 8.37 22.34 -10.04
C ASP B 211 8.87 22.23 -11.45
N LYS B 212 8.68 21.05 -12.04
CA LYS B 212 9.24 20.76 -13.33
C LYS B 212 8.21 20.85 -14.45
N LYS B 213 8.43 21.91 -15.23
CA LYS B 213 7.72 22.18 -16.43
C LYS B 213 8.17 21.12 -17.48
N ILE B 214 7.20 20.47 -18.13
CA ILE B 214 7.45 19.50 -19.18
C ILE B 214 7.50 20.22 -20.54
N VAL B 215 8.71 20.36 -21.06
CA VAL B 215 8.92 21.00 -22.36
C VAL B 215 9.22 19.99 -23.47
N PRO B 216 8.67 20.22 -24.67
CA PRO B 216 8.82 19.19 -25.67
C PRO B 216 10.27 19.13 -26.08
N ARG B 217 10.91 17.97 -25.94
CA ARG B 217 12.31 17.80 -26.32
C ARG B 217 12.66 18.27 -27.74
N ASP B 218 13.93 18.61 -27.94
CA ASP B 218 14.41 19.15 -29.22
C ASP B 218 13.38 19.94 -30.03
N PRO C 1 -17.06 -7.12 31.43
CA PRO C 1 -15.88 -7.27 30.55
C PRO C 1 -16.00 -8.43 29.56
N LYS C 2 -15.75 -8.11 28.30
CA LYS C 2 -15.95 -9.04 27.17
C LYS C 2 -14.58 -9.26 26.50
N LEU C 3 -13.70 -9.89 27.26
CA LEU C 3 -12.28 -9.90 26.97
C LEU C 3 -11.91 -11.23 26.34
N GLU C 4 -10.79 -11.28 25.64
CA GLU C 4 -10.26 -12.55 25.13
C GLU C 4 -9.71 -13.43 26.29
N PRO C 5 -9.59 -14.76 26.10
CA PRO C 5 -9.25 -15.63 27.22
C PRO C 5 -7.91 -15.32 27.91
N TRP C 6 -6.89 -14.91 27.15
CA TRP C 6 -5.56 -14.63 27.72
C TRP C 6 -5.49 -13.33 28.51
N LYS C 7 -6.57 -12.53 28.45
CA LYS C 7 -6.63 -11.32 29.26
C LYS C 7 -6.74 -11.61 30.75
N HIS C 8 -6.27 -10.67 31.57
CA HIS C 8 -6.40 -10.80 33.02
C HIS C 8 -7.87 -10.63 33.51
N PRO C 9 -8.42 -11.66 34.21
CA PRO C 9 -9.78 -11.59 34.80
C PRO C 9 -10.06 -10.36 35.70
#